data_4GEH
#
_entry.id   4GEH
#
_cell.length_a   75.243
_cell.length_b   84.018
_cell.length_c   109.679
_cell.angle_alpha   90.00
_cell.angle_beta   90.00
_cell.angle_gamma   90.00
#
_symmetry.space_group_name_H-M   'P 21 21 21'
#
loop_
_entity.id
_entity.type
_entity.pdbx_description
1 polymer 'Programmed cell death protein 10'
2 polymer 'Serine/threonine-protein kinase MST4'
3 water water
#
loop_
_entity_poly.entity_id
_entity_poly.type
_entity_poly.pdbx_seq_one_letter_code
_entity_poly.pdbx_strand_id
1 'polypeptide(L)'
;GMAKNEAETTSMVSMPLYAVMYPVFNELERVNLSAAQTLRAAFIKAEKENPGLTQDIIMKILEKKSVEVNFTESLLRMAA
DDVEEYMIERPEPEFQDLNEKARALKQILSKIPDEINDRVRFLQTIKDIASAIKELLDTVNNVFKKYQYQNRRALEHQKK
EFVKYSKSFSDTLKTYFKDGKAINVFVSANRLIHQTNLILQTFKTVA
;
A,C
2 'polypeptide(L)'
;MGSFTTVRKKPDPKKVQNGAEQDLVQTLSCLSMIITPAFAELKQQDENNASRNQAIEELEKSIAVAEAACPGITDKMVKK
LIEKFQKCSAD
;
B,D
#
# COMPACT_ATOMS: atom_id res chain seq x y z
N THR A 10 5.07 14.76 14.08
CA THR A 10 4.21 15.84 14.66
C THR A 10 5.00 17.04 15.22
N SER A 11 6.33 16.97 15.18
CA SER A 11 7.13 18.13 15.47
C SER A 11 6.99 19.10 14.28
N MET A 12 7.36 20.34 14.53
CA MET A 12 7.32 21.37 13.52
C MET A 12 8.15 21.02 12.28
N VAL A 13 9.35 20.52 12.52
CA VAL A 13 10.30 20.26 11.45
C VAL A 13 9.79 19.18 10.48
N SER A 14 8.89 18.32 10.97
CA SER A 14 8.26 17.27 10.18
C SER A 14 6.98 17.71 9.44
N MET A 15 6.58 18.96 9.64
CA MET A 15 5.35 19.50 9.02
C MET A 15 5.18 19.21 7.50
N PRO A 16 6.24 19.38 6.67
CA PRO A 16 6.11 19.14 5.22
C PRO A 16 5.67 17.74 4.79
N LEU A 17 5.97 16.74 5.62
CA LEU A 17 5.47 15.40 5.37
C LEU A 17 3.95 15.42 5.29
N TYR A 18 3.33 16.04 6.29
CA TYR A 18 1.87 16.09 6.39
C TYR A 18 1.31 17.10 5.43
N ALA A 19 1.96 18.24 5.27
CA ALA A 19 1.40 19.32 4.42
C ALA A 19 1.60 19.12 2.93
N VAL A 20 2.71 18.50 2.54
CA VAL A 20 3.01 18.37 1.11
C VAL A 20 2.89 16.92 0.62
N MET A 21 3.55 16.01 1.30
CA MET A 21 3.59 14.63 0.82
C MET A 21 2.26 13.91 1.01
N TYR A 22 1.60 14.05 2.17
CA TYR A 22 0.34 13.30 2.38
C TYR A 22 -0.66 13.50 1.25
N PRO A 23 -0.91 14.76 0.84
CA PRO A 23 -1.85 14.96 -0.29
C PRO A 23 -1.39 14.31 -1.59
N VAL A 24 -0.09 14.33 -1.86
CA VAL A 24 0.46 13.65 -3.03
C VAL A 24 0.19 12.14 -2.96
N PHE A 25 0.48 11.53 -1.81
CA PHE A 25 0.18 10.10 -1.64
C PHE A 25 -1.32 9.81 -1.86
N ASN A 26 -2.20 10.64 -1.29
CA ASN A 26 -3.64 10.48 -1.50
C ASN A 26 -4.02 10.46 -2.98
N GLU A 27 -3.45 11.39 -3.75
CA GLU A 27 -3.65 11.44 -5.21
C GLU A 27 -3.06 10.21 -5.90
N LEU A 28 -1.90 9.73 -5.43
CA LEU A 28 -1.30 8.53 -6.01
C LEU A 28 -2.11 7.26 -5.72
N GLU A 29 -2.90 7.26 -4.64
CA GLU A 29 -3.77 6.12 -4.31
C GLU A 29 -4.74 5.82 -5.44
N ARG A 30 -5.14 6.86 -6.18
CA ARG A 30 -6.03 6.72 -7.34
C ARG A 30 -5.32 6.03 -8.52
N VAL A 31 -3.99 6.08 -8.57
CA VAL A 31 -3.23 5.41 -9.63
C VAL A 31 -2.96 3.95 -9.28
N ASN A 32 -2.38 3.73 -8.11
CA ASN A 32 -2.12 2.38 -7.64
C ASN A 32 -2.00 2.37 -6.10
N LEU A 33 -2.98 1.76 -5.45
CA LEU A 33 -3.08 1.76 -4.01
C LEU A 33 -1.81 1.21 -3.34
N SER A 34 -1.33 0.07 -3.83
CA SER A 34 -0.14 -0.59 -3.24
C SER A 34 1.11 0.26 -3.27
N ALA A 35 1.43 0.74 -4.46
CA ALA A 35 2.57 1.60 -4.69
C ALA A 35 2.49 2.88 -3.86
N ALA A 36 1.30 3.48 -3.80
CA ALA A 36 1.10 4.73 -3.06
C ALA A 36 1.39 4.50 -1.58
N GLN A 37 0.89 3.38 -1.04
CA GLN A 37 1.07 3.06 0.37
C GLN A 37 2.53 2.73 0.64
N THR A 38 3.20 2.08 -0.30
CA THR A 38 4.61 1.81 -0.16
C THR A 38 5.40 3.10 -0.02
N LEU A 39 5.10 4.07 -0.87
CA LEU A 39 5.76 5.37 -0.80
C LEU A 39 5.44 6.08 0.53
N ARG A 40 4.15 6.08 0.89
CA ARG A 40 3.70 6.71 2.12
C ARG A 40 4.44 6.17 3.34
N ALA A 41 4.39 4.85 3.52
CA ALA A 41 5.04 4.22 4.67
C ALA A 41 6.55 4.51 4.67
N ALA A 42 7.16 4.52 3.50
CA ALA A 42 8.60 4.76 3.41
C ALA A 42 8.96 6.21 3.81
N PHE A 43 8.16 7.17 3.38
CA PHE A 43 8.42 8.57 3.77
C PHE A 43 8.19 8.76 5.26
N ILE A 44 7.13 8.15 5.80
CA ILE A 44 6.88 8.21 7.24
C ILE A 44 8.05 7.64 8.07
N LYS A 45 8.56 6.48 7.67
CA LYS A 45 9.68 5.83 8.33
C LYS A 45 10.98 6.66 8.29
N ALA A 46 11.28 7.23 7.13
CA ALA A 46 12.46 8.07 6.97
C ALA A 46 12.38 9.33 7.82
N GLU A 47 11.21 9.97 7.84
CA GLU A 47 11.01 11.17 8.65
C GLU A 47 11.16 10.86 10.15
N LYS A 48 10.64 9.72 10.58
CA LYS A 48 10.78 9.29 11.98
C LYS A 48 12.26 9.04 12.33
N GLU A 49 12.98 8.42 11.42
CA GLU A 49 14.41 8.17 11.64
C GLU A 49 15.24 9.45 11.65
N ASN A 50 14.85 10.44 10.84
CA ASN A 50 15.63 11.66 10.74
C ASN A 50 14.74 12.86 10.45
N PRO A 51 14.11 13.42 11.49
CA PRO A 51 13.22 14.55 11.32
C PRO A 51 13.85 15.69 10.50
N GLY A 52 13.12 16.23 9.53
CA GLY A 52 13.66 17.24 8.64
C GLY A 52 14.06 16.74 7.26
N LEU A 53 14.11 15.42 7.09
CA LEU A 53 14.52 14.85 5.83
C LEU A 53 13.51 15.10 4.70
N THR A 54 12.23 15.00 5.00
CA THR A 54 11.22 15.19 3.96
C THR A 54 11.33 16.59 3.35
N GLN A 55 11.52 17.60 4.20
CA GLN A 55 11.76 18.96 3.73
C GLN A 55 12.95 19.02 2.78
N ASP A 56 14.07 18.41 3.18
CA ASP A 56 15.28 18.43 2.37
C ASP A 56 15.02 17.75 1.04
N ILE A 57 14.28 16.65 1.06
CA ILE A 57 13.97 15.93 -0.16
C ILE A 57 13.11 16.78 -1.10
N ILE A 58 12.06 17.39 -0.57
CA ILE A 58 11.19 18.22 -1.42
C ILE A 58 11.99 19.36 -2.06
N MET A 59 12.81 20.05 -1.28
CA MET A 59 13.57 21.19 -1.79
C MET A 59 14.55 20.73 -2.88
N LYS A 60 15.20 19.59 -2.65
CA LYS A 60 16.14 19.04 -3.63
C LYS A 60 15.43 18.67 -4.92
N ILE A 61 14.28 18.00 -4.84
CA ILE A 61 13.52 17.68 -6.04
C ILE A 61 13.11 18.95 -6.79
N LEU A 62 12.63 19.96 -6.07
CA LEU A 62 12.26 21.25 -6.71
C LEU A 62 13.46 21.84 -7.45
N GLU A 63 14.62 21.83 -6.81
CA GLU A 63 15.85 22.34 -7.41
C GLU A 63 16.22 21.57 -8.69
N LYS A 64 16.18 20.24 -8.62
CA LYS A 64 16.46 19.41 -9.80
C LYS A 64 15.48 19.64 -10.94
N LYS A 65 14.24 20.01 -10.62
CA LYS A 65 13.26 20.31 -11.66
C LYS A 65 13.22 21.81 -12.01
N SER A 66 14.21 22.56 -11.53
CA SER A 66 14.32 24.02 -11.77
C SER A 66 13.10 24.83 -11.35
N VAL A 67 12.47 24.47 -10.23
CA VAL A 67 11.33 25.21 -9.73
C VAL A 67 11.85 26.22 -8.71
N GLU A 68 11.87 27.47 -9.11
CA GLU A 68 12.54 28.49 -8.33
C GLU A 68 11.58 29.22 -7.41
N VAL A 69 11.28 28.59 -6.29
CA VAL A 69 10.32 29.13 -5.33
C VAL A 69 10.85 29.05 -3.91
N ASN A 70 10.37 29.93 -3.05
CA ASN A 70 10.74 29.86 -1.65
C ASN A 70 9.86 28.82 -0.97
N PHE A 71 10.49 27.85 -0.34
CA PHE A 71 9.76 26.72 0.25
C PHE A 71 8.84 27.18 1.38
N THR A 72 9.38 27.98 2.29
CA THR A 72 8.60 28.51 3.42
C THR A 72 7.34 29.27 2.96
N GLU A 73 7.53 30.20 2.03
CA GLU A 73 6.41 30.99 1.52
C GLU A 73 5.38 30.11 0.84
N SER A 74 5.83 29.15 0.05
CA SER A 74 4.91 28.25 -0.66
C SER A 74 4.07 27.43 0.32
N LEU A 75 4.72 26.89 1.37
CA LEU A 75 4.05 26.15 2.45
C LEU A 75 2.94 27.02 3.08
N LEU A 76 3.23 28.29 3.32
CA LEU A 76 2.25 29.20 3.87
C LEU A 76 1.08 29.43 2.91
N ARG A 77 1.39 29.65 1.64
CA ARG A 77 0.33 29.88 0.66
C ARG A 77 -0.60 28.66 0.56
N MET A 78 -0.08 27.46 0.82
CA MET A 78 -0.92 26.24 0.77
C MET A 78 -1.62 25.87 2.09
N ALA A 79 -1.52 26.75 3.08
CA ALA A 79 -2.11 26.51 4.40
C ALA A 79 -3.62 26.28 4.48
N ALA A 80 -4.37 26.90 3.57
CA ALA A 80 -5.81 26.66 3.50
C ALA A 80 -6.18 25.41 2.66
N ASP A 81 -5.21 24.73 2.06
CA ASP A 81 -5.51 23.59 1.18
C ASP A 81 -5.64 22.28 1.95
N ASP A 82 -6.15 21.26 1.26
CA ASP A 82 -6.24 19.90 1.81
C ASP A 82 -6.97 19.88 3.15
N VAL A 83 -8.12 20.56 3.21
CA VAL A 83 -8.89 20.75 4.45
C VAL A 83 -9.23 19.40 5.12
N GLU A 84 -9.53 18.39 4.30
CA GLU A 84 -9.95 17.06 4.79
C GLU A 84 -8.86 16.31 5.52
N GLU A 85 -7.60 16.67 5.30
CA GLU A 85 -6.51 16.02 6.02
C GLU A 85 -6.45 16.44 7.49
N TYR A 86 -6.96 17.63 7.80
CA TYR A 86 -6.85 18.21 9.12
C TYR A 86 -8.16 18.29 9.92
N MET A 87 -9.28 18.51 9.23
CA MET A 87 -10.58 18.73 9.88
C MET A 87 -11.01 17.52 10.71
N ILE A 88 -11.75 17.79 11.76
CA ILE A 88 -12.34 16.76 12.60
C ILE A 88 -13.57 16.25 11.86
N GLU A 89 -13.56 14.96 11.53
CA GLU A 89 -14.65 14.37 10.75
C GLU A 89 -15.73 13.88 11.66
N ARG A 90 -16.45 14.83 12.26
CA ARG A 90 -17.52 14.55 13.18
C ARG A 90 -18.59 15.61 13.01
N PRO A 91 -19.88 15.20 13.05
CA PRO A 91 -20.97 16.14 12.66
C PRO A 91 -21.44 17.10 13.74
N GLU A 92 -21.16 16.84 15.00
CA GLU A 92 -21.71 17.65 16.05
C GLU A 92 -21.31 19.13 15.93
N PRO A 93 -22.17 20.06 16.40
CA PRO A 93 -21.91 21.50 16.18
C PRO A 93 -20.56 21.96 16.73
N GLU A 94 -20.12 21.36 17.85
CA GLU A 94 -18.92 21.80 18.51
C GLU A 94 -17.67 21.48 17.68
N PHE A 95 -17.69 20.37 16.95
CA PHE A 95 -16.57 20.00 16.07
C PHE A 95 -16.62 20.78 14.78
N GLN A 96 -17.83 21.05 14.29
CA GLN A 96 -17.96 21.91 13.15
C GLN A 96 -17.43 23.31 13.47
N ASP A 97 -17.72 23.80 14.67
CA ASP A 97 -17.31 25.12 15.12
C ASP A 97 -15.77 25.18 15.20
N LEU A 98 -15.17 24.19 15.84
CA LEU A 98 -13.70 24.07 15.86
C LEU A 98 -13.08 24.07 14.45
N ASN A 99 -13.67 23.30 13.54
CA ASN A 99 -13.19 23.23 12.18
C ASN A 99 -13.22 24.59 11.52
N GLU A 100 -14.33 25.29 11.70
CA GLU A 100 -14.53 26.56 11.08
C GLU A 100 -13.59 27.62 11.66
N LYS A 101 -13.37 27.62 12.96
CA LYS A 101 -12.43 28.60 13.58
C LYS A 101 -11.02 28.34 13.09
N ALA A 102 -10.67 27.06 13.02
CA ALA A 102 -9.36 26.65 12.52
C ALA A 102 -9.18 27.08 11.07
N ARG A 103 -10.19 26.81 10.23
CA ARG A 103 -10.13 27.15 8.83
C ARG A 103 -9.99 28.65 8.64
N ALA A 104 -10.75 29.44 9.39
CA ALA A 104 -10.68 30.89 9.28
C ALA A 104 -9.29 31.40 9.59
N LEU A 105 -8.70 30.91 10.67
CA LEU A 105 -7.34 31.33 11.03
C LEU A 105 -6.36 30.97 9.91
N LYS A 106 -6.37 29.71 9.48
CA LYS A 106 -5.43 29.26 8.48
C LYS A 106 -5.61 30.01 7.17
N GLN A 107 -6.85 30.29 6.78
CA GLN A 107 -7.11 31.07 5.57
CA GLN A 107 -7.12 31.07 5.56
C GLN A 107 -6.51 32.47 5.62
N ILE A 108 -6.74 33.17 6.73
CA ILE A 108 -6.19 34.52 6.87
C ILE A 108 -4.64 34.48 6.85
N LEU A 109 -4.04 33.52 7.55
CA LEU A 109 -2.60 33.38 7.55
C LEU A 109 -2.05 33.07 6.15
N SER A 110 -2.77 32.28 5.35
CA SER A 110 -2.29 31.86 4.06
C SER A 110 -2.18 33.02 3.06
N LYS A 111 -2.87 34.12 3.32
CA LYS A 111 -2.86 35.31 2.48
C LYS A 111 -1.80 36.33 2.82
N ILE A 112 -1.03 36.07 3.89
CA ILE A 112 0.04 36.98 4.29
C ILE A 112 1.02 37.26 3.14
N PRO A 113 1.48 36.23 2.40
CA PRO A 113 2.44 36.52 1.33
C PRO A 113 1.92 37.51 0.28
N ASP A 114 0.63 37.49 0.00
CA ASP A 114 0.07 38.46 -0.92
C ASP A 114 -0.25 39.81 -0.34
N GLU A 115 -0.49 39.87 0.96
CA GLU A 115 -0.98 41.10 1.59
C GLU A 115 0.12 41.90 2.25
N ILE A 116 1.24 41.25 2.53
CA ILE A 116 2.26 41.87 3.35
C ILE A 116 2.87 43.12 2.69
N ASN A 117 2.91 43.18 1.37
CA ASN A 117 3.48 44.35 0.69
C ASN A 117 2.54 45.53 0.53
N ASP A 118 1.28 45.35 0.91
CA ASP A 118 0.29 46.42 0.91
C ASP A 118 0.04 46.84 2.36
N ARG A 119 0.68 47.94 2.78
CA ARG A 119 0.75 48.34 4.19
C ARG A 119 -0.62 48.56 4.83
N VAL A 120 -1.51 49.25 4.12
CA VAL A 120 -2.84 49.50 4.65
C VAL A 120 -3.57 48.16 4.84
N ARG A 121 -3.57 47.32 3.81
CA ARG A 121 -4.25 46.04 3.89
C ARG A 121 -3.60 45.12 4.96
N PHE A 122 -2.27 45.10 5.01
CA PHE A 122 -1.59 44.29 6.01
C PHE A 122 -1.97 44.66 7.45
N LEU A 123 -2.19 45.94 7.73
CA LEU A 123 -2.59 46.37 9.08
C LEU A 123 -3.91 45.76 9.47
N GLN A 124 -4.84 45.70 8.51
CA GLN A 124 -6.11 45.02 8.70
C GLN A 124 -5.93 43.50 8.90
N THR A 125 -5.05 42.88 8.10
CA THR A 125 -4.74 41.44 8.22
C THR A 125 -4.32 41.11 9.65
N ILE A 126 -3.46 41.95 10.23
CA ILE A 126 -2.98 41.72 11.58
C ILE A 126 -4.10 41.71 12.62
N LYS A 127 -5.05 42.63 12.46
CA LYS A 127 -6.23 42.67 13.32
C LYS A 127 -7.15 41.48 13.10
N ASP A 128 -7.29 41.04 11.85
CA ASP A 128 -8.10 39.86 11.55
C ASP A 128 -7.46 38.59 12.14
N ILE A 129 -6.13 38.53 12.15
CA ILE A 129 -5.42 37.37 12.72
C ILE A 129 -5.66 37.35 14.22
N ALA A 130 -5.44 38.46 14.89
CA ALA A 130 -5.66 38.50 16.33
C ALA A 130 -7.12 38.11 16.71
N SER A 131 -8.07 38.59 15.93
CA SER A 131 -9.46 38.21 16.16
C SER A 131 -9.70 36.69 15.98
N ALA A 132 -9.12 36.13 14.91
CA ALA A 132 -9.32 34.72 14.60
C ALA A 132 -8.62 33.81 15.65
N ILE A 133 -7.47 34.25 16.15
CA ILE A 133 -6.77 33.53 17.22
C ILE A 133 -7.63 33.49 18.49
N LYS A 134 -8.18 34.64 18.89
CA LYS A 134 -9.04 34.73 20.06
C LYS A 134 -10.25 33.79 19.95
N GLU A 135 -10.90 33.81 18.80
CA GLU A 135 -12.08 33.01 18.61
C GLU A 135 -11.76 31.52 18.59
N LEU A 136 -10.65 31.13 17.97
CA LEU A 136 -10.21 29.73 18.01
C LEU A 136 -9.97 29.29 19.45
N LEU A 137 -9.22 30.07 20.20
CA LEU A 137 -8.88 29.71 21.59
C LEU A 137 -10.13 29.63 22.48
N ASP A 138 -11.05 30.58 22.31
CA ASP A 138 -12.33 30.52 23.03
C ASP A 138 -13.08 29.22 22.72
N THR A 139 -13.16 28.85 21.44
CA THR A 139 -13.84 27.61 21.05
C THR A 139 -13.14 26.37 21.62
N VAL A 140 -11.82 26.33 21.49
CA VAL A 140 -11.03 25.23 22.06
C VAL A 140 -11.37 25.04 23.54
N ASN A 141 -11.35 26.12 24.32
CA ASN A 141 -11.68 26.05 25.73
C ASN A 141 -13.10 25.59 26.01
N ASN A 142 -14.04 26.07 25.20
CA ASN A 142 -15.40 25.61 25.31
C ASN A 142 -15.56 24.09 25.05
N VAL A 143 -14.99 23.58 23.98
CA VAL A 143 -15.15 22.17 23.65
C VAL A 143 -14.39 21.32 24.67
N PHE A 144 -13.23 21.79 25.10
CA PHE A 144 -12.45 21.15 26.16
C PHE A 144 -13.31 20.91 27.39
N LYS A 145 -14.01 21.97 27.84
CA LYS A 145 -14.87 21.89 29.00
C LYS A 145 -16.10 21.02 28.73
N LYS A 146 -16.67 21.17 27.55
CA LYS A 146 -17.85 20.39 27.16
C LYS A 146 -17.61 18.86 27.26
N TYR A 147 -16.44 18.41 26.86
CA TYR A 147 -16.10 16.99 26.95
C TYR A 147 -15.37 16.63 28.24
N GLN A 148 -15.49 17.48 29.25
CA GLN A 148 -15.12 17.14 30.60
C GLN A 148 -13.60 16.94 30.75
N TYR A 149 -12.83 17.72 30.01
CA TYR A 149 -11.38 17.77 30.11
C TYR A 149 -10.69 16.46 29.79
N GLN A 150 -11.20 15.78 28.76
CA GLN A 150 -10.56 14.63 28.18
C GLN A 150 -9.33 15.13 27.43
N ASN A 151 -8.35 14.24 27.29
CA ASN A 151 -7.06 14.51 26.67
C ASN A 151 -6.37 15.73 27.32
N ARG A 152 -6.45 15.79 28.65
CA ARG A 152 -6.13 16.99 29.40
C ARG A 152 -4.69 17.42 29.22
N ARG A 153 -3.75 16.50 29.42
CA ARG A 153 -2.33 16.87 29.38
C ARG A 153 -1.95 17.35 28.00
N ALA A 154 -2.37 16.62 26.99
CA ALA A 154 -2.09 16.95 25.60
C ALA A 154 -2.66 18.34 25.25
N LEU A 155 -3.93 18.56 25.58
CA LEU A 155 -4.58 19.81 25.23
C LEU A 155 -4.01 21.02 26.02
N GLU A 156 -3.78 20.85 27.31
CA GLU A 156 -3.11 21.92 28.05
C GLU A 156 -1.73 22.27 27.49
N HIS A 157 -0.95 21.25 27.13
CA HIS A 157 0.37 21.49 26.54
C HIS A 157 0.25 22.18 25.17
N GLN A 158 -0.66 21.71 24.33
CA GLN A 158 -0.84 22.33 23.01
C GLN A 158 -1.33 23.77 23.11
N LYS A 159 -2.19 24.04 24.07
CA LYS A 159 -2.70 25.39 24.30
C LYS A 159 -1.57 26.35 24.74
N LYS A 160 -0.74 25.88 25.67
CA LYS A 160 0.46 26.60 26.09
C LYS A 160 1.42 26.91 24.94
N GLU A 161 1.73 25.93 24.09
CA GLU A 161 2.60 26.16 22.95
CA GLU A 161 2.61 26.14 22.95
C GLU A 161 1.96 27.15 21.98
N PHE A 162 0.65 27.07 21.79
CA PHE A 162 -0.06 27.97 20.87
C PHE A 162 0.08 29.42 21.32
N VAL A 163 -0.14 29.66 22.61
CA VAL A 163 -0.01 30.99 23.18
C VAL A 163 1.42 31.46 23.03
N LYS A 164 2.40 30.60 23.27
CA LYS A 164 3.79 30.95 23.07
C LYS A 164 4.07 31.34 21.61
N TYR A 165 3.57 30.53 20.68
CA TYR A 165 3.80 30.79 19.24
C TYR A 165 3.10 32.02 18.72
N SER A 166 1.96 32.33 19.30
CA SER A 166 1.23 33.53 18.96
C SER A 166 1.96 34.80 19.43
N LYS A 167 2.50 34.79 20.65
CA LYS A 167 3.34 35.88 21.14
C LYS A 167 4.58 36.06 20.26
N SER A 168 5.18 34.95 19.88
CA SER A 168 6.32 35.00 19.02
C SER A 168 5.96 35.53 17.62
N PHE A 169 4.77 35.18 17.11
CA PHE A 169 4.27 35.77 15.85
C PHE A 169 4.11 37.28 15.96
N SER A 170 3.54 37.75 17.07
CA SER A 170 3.43 39.19 17.32
C SER A 170 4.77 39.91 17.34
N ASP A 171 5.76 39.33 18.04
CA ASP A 171 7.11 39.86 18.05
C ASP A 171 7.75 39.95 16.66
N THR A 172 7.49 38.94 15.85
CA THR A 172 7.96 38.90 14.51
C THR A 172 7.36 40.03 13.62
N LEU A 173 6.08 40.34 13.82
CA LEU A 173 5.42 41.46 13.11
C LEU A 173 6.07 42.78 13.47
N LYS A 174 6.31 42.98 14.76
CA LYS A 174 6.96 44.19 15.27
C LYS A 174 8.31 44.38 14.63
N THR A 175 9.09 43.32 14.59
CA THR A 175 10.39 43.38 13.97
C THR A 175 10.26 43.63 12.47
N TYR A 176 9.28 43.00 11.81
CA TYR A 176 9.10 43.20 10.39
C TYR A 176 8.86 44.68 10.05
N PHE A 177 8.11 45.39 10.89
CA PHE A 177 7.89 46.81 10.65
C PHE A 177 9.18 47.61 10.72
N LYS A 178 10.19 47.14 11.45
CA LYS A 178 11.51 47.78 11.45
C LYS A 178 12.40 47.36 10.29
N ASP A 179 12.50 46.07 9.98
CA ASP A 179 13.54 45.61 9.06
C ASP A 179 13.05 45.13 7.68
N GLY A 180 11.74 45.02 7.52
CA GLY A 180 11.13 44.62 6.24
C GLY A 180 11.41 43.20 5.73
N LYS A 181 11.93 42.32 6.58
CA LYS A 181 12.31 40.97 6.18
C LYS A 181 11.10 40.03 6.29
N ALA A 182 10.41 39.84 5.17
CA ALA A 182 9.15 39.11 5.14
C ALA A 182 9.24 37.65 5.57
N ILE A 183 10.35 36.99 5.23
CA ILE A 183 10.51 35.55 5.48
C ILE A 183 10.26 35.20 6.95
N ASN A 184 10.70 36.05 7.87
CA ASN A 184 10.53 35.80 9.30
C ASN A 184 9.04 35.73 9.73
N VAL A 185 8.23 36.56 9.11
CA VAL A 185 6.79 36.48 9.35
C VAL A 185 6.23 35.18 8.79
N PHE A 186 6.70 34.78 7.60
CA PHE A 186 6.22 33.54 6.99
C PHE A 186 6.56 32.31 7.86
N VAL A 187 7.79 32.26 8.39
CA VAL A 187 8.20 31.18 9.30
C VAL A 187 7.29 31.12 10.53
N SER A 188 7.04 32.28 11.12
CA SER A 188 6.28 32.31 12.36
C SER A 188 4.78 31.95 12.11
N ALA A 189 4.27 32.37 10.95
CA ALA A 189 2.89 32.03 10.57
C ALA A 189 2.75 30.51 10.37
N ASN A 190 3.73 29.87 9.73
CA ASN A 190 3.65 28.41 9.53
C ASN A 190 3.58 27.63 10.83
N ARG A 191 4.26 28.15 11.85
CA ARG A 191 4.23 27.56 13.18
C ARG A 191 2.83 27.60 13.77
N LEU A 192 2.13 28.72 13.60
CA LEU A 192 0.76 28.82 14.08
C LEU A 192 -0.17 27.88 13.36
N ILE A 193 0.04 27.73 12.04
CA ILE A 193 -0.73 26.77 11.26
C ILE A 193 -0.53 25.34 11.79
N HIS A 194 0.73 24.96 12.04
CA HIS A 194 1.04 23.63 12.56
C HIS A 194 0.36 23.40 13.91
N GLN A 195 0.41 24.39 14.79
CA GLN A 195 -0.18 24.24 16.12
C GLN A 195 -1.73 24.19 16.05
N THR A 196 -2.32 24.91 15.12
CA THR A 196 -3.75 24.79 14.88
C THR A 196 -4.14 23.36 14.50
N ASN A 197 -3.40 22.78 13.56
CA ASN A 197 -3.63 21.41 13.15
C ASN A 197 -3.44 20.37 14.27
N LEU A 198 -2.45 20.57 15.14
CA LEU A 198 -2.26 19.67 16.27
C LEU A 198 -3.42 19.73 17.26
N ILE A 199 -3.95 20.94 17.52
CA ILE A 199 -5.12 21.06 18.38
C ILE A 199 -6.35 20.34 17.79
N LEU A 200 -6.63 20.57 16.52
CA LEU A 200 -7.70 19.82 15.86
C LEU A 200 -7.55 18.30 16.03
N GLN A 201 -6.33 17.83 15.85
CA GLN A 201 -6.04 16.41 15.96
C GLN A 201 -6.37 15.87 17.37
N THR A 202 -6.08 16.64 18.39
CA THR A 202 -6.37 16.23 19.75
C THR A 202 -7.86 16.02 20.01
N PHE A 203 -8.71 16.82 19.36
CA PHE A 203 -10.14 16.66 19.53
C PHE A 203 -10.75 15.48 18.76
N LYS A 204 -9.96 14.84 17.90
CA LYS A 204 -10.41 13.65 17.20
C LYS A 204 -10.73 12.47 18.10
N THR A 205 -10.15 12.46 19.30
CA THR A 205 -10.27 11.30 20.16
C THR A 205 -11.02 11.58 21.47
N VAL A 206 -11.78 12.67 21.55
CA VAL A 206 -12.67 12.85 22.70
C VAL A 206 -13.99 12.15 22.39
N ALA A 207 -14.69 11.69 23.43
CA ALA A 207 -15.98 10.98 23.22
C ALA A 207 -17.04 11.33 24.23
N ASP B 23 22.56 13.43 -26.57
CA ASP B 23 22.02 12.42 -25.61
C ASP B 23 21.11 11.47 -26.38
N LEU B 24 20.08 12.03 -27.02
CA LEU B 24 19.21 11.31 -27.97
C LEU B 24 18.44 10.11 -27.38
N VAL B 25 19.15 9.06 -26.97
CA VAL B 25 18.55 7.86 -26.38
C VAL B 25 18.59 7.79 -24.85
N GLN B 26 17.39 7.72 -24.27
CA GLN B 26 17.08 7.38 -22.85
C GLN B 26 16.97 8.61 -21.95
N THR B 27 15.86 8.66 -21.21
CA THR B 27 15.60 9.72 -20.23
C THR B 27 16.46 9.48 -19.00
N SER B 29 13.38 7.11 -17.03
CA SER B 29 13.75 6.55 -15.72
C SER B 29 13.85 7.64 -14.64
N CYS B 30 12.72 8.03 -14.09
CA CYS B 30 12.68 9.08 -13.07
C CYS B 30 13.59 8.77 -11.87
N LEU B 31 13.58 7.51 -11.45
CA LEU B 31 14.40 7.05 -10.33
C LEU B 31 15.88 7.33 -10.55
N SER B 32 16.43 6.88 -11.68
CA SER B 32 17.85 7.10 -11.98
C SER B 32 18.16 8.55 -12.37
N MET B 33 17.20 9.21 -13.02
CA MET B 33 17.36 10.57 -13.52
C MET B 33 17.28 11.65 -12.45
N ILE B 34 16.37 11.47 -11.51
CA ILE B 34 16.07 12.52 -10.55
C ILE B 34 16.34 12.08 -9.13
N ILE B 35 15.78 10.93 -8.73
CA ILE B 35 15.85 10.50 -7.34
C ILE B 35 17.28 10.12 -6.91
N THR B 36 17.94 9.26 -7.68
CA THR B 36 19.32 8.83 -7.30
C THR B 36 20.25 10.01 -7.10
N PRO B 37 20.37 10.90 -8.12
CA PRO B 37 21.27 12.04 -7.96
C PRO B 37 20.84 12.97 -6.83
N ALA B 38 19.53 13.19 -6.70
CA ALA B 38 19.01 14.00 -5.61
C ALA B 38 19.43 13.42 -4.27
N PHE B 39 19.27 12.11 -4.10
CA PHE B 39 19.57 11.48 -2.82
C PHE B 39 21.09 11.45 -2.54
N ALA B 40 21.89 11.28 -3.59
CA ALA B 40 23.34 11.34 -3.45
C ALA B 40 23.74 12.73 -2.98
N GLU B 41 23.15 13.76 -3.61
CA GLU B 41 23.39 15.13 -3.17
C GLU B 41 22.90 15.38 -1.75
N LEU B 42 21.78 14.77 -1.38
CA LEU B 42 21.30 14.90 0.00
C LEU B 42 22.35 14.40 0.96
N LYS B 43 22.91 13.22 0.71
CA LYS B 43 23.95 12.66 1.60
C LYS B 43 25.16 13.58 1.73
N GLN B 44 25.52 14.24 0.64
CA GLN B 44 26.67 15.17 0.60
C GLN B 44 26.44 16.48 1.37
N GLN B 45 25.19 16.77 1.77
CA GLN B 45 24.92 17.90 2.66
C GLN B 45 25.41 17.64 4.08
N ASP B 46 25.57 16.35 4.43
CA ASP B 46 25.99 15.89 5.76
C ASP B 46 26.68 14.49 5.68
N GLU B 47 27.90 14.42 5.11
CA GLU B 47 28.49 13.12 4.73
C GLU B 47 28.77 12.12 5.85
N ASN B 48 29.21 12.58 7.02
CA ASN B 48 29.47 11.62 8.10
C ASN B 48 28.27 11.38 9.03
N ASN B 49 27.04 11.59 8.51
CA ASN B 49 25.82 11.31 9.27
C ASN B 49 25.24 9.93 8.99
N ALA B 50 25.58 8.98 9.85
CA ALA B 50 25.24 7.57 9.67
C ALA B 50 23.73 7.33 9.68
N SER B 51 23.06 7.85 10.70
CA SER B 51 21.62 7.63 10.84
C SER B 51 20.86 8.28 9.66
N ARG B 52 21.29 9.47 9.24
CA ARG B 52 20.63 10.16 8.13
C ARG B 52 20.84 9.42 6.82
N ASN B 53 22.06 8.97 6.55
CA ASN B 53 22.37 8.27 5.32
C ASN B 53 21.66 6.94 5.23
N GLN B 54 21.54 6.26 6.35
CA GLN B 54 20.76 5.01 6.42
C GLN B 54 19.29 5.26 6.08
N ALA B 55 18.72 6.31 6.65
CA ALA B 55 17.32 6.68 6.38
C ALA B 55 17.08 6.94 4.89
N ILE B 56 18.01 7.66 4.27
CA ILE B 56 17.98 7.97 2.84
C ILE B 56 18.08 6.68 1.99
N GLU B 57 19.03 5.82 2.33
CA GLU B 57 19.22 4.53 1.65
C GLU B 57 17.97 3.64 1.71
N GLU B 58 17.38 3.49 2.88
CA GLU B 58 16.13 2.71 3.02
C GLU B 58 15.00 3.28 2.16
N LEU B 59 14.87 4.61 2.18
CA LEU B 59 13.80 5.27 1.41
C LEU B 59 13.97 5.05 -0.09
N GLU B 60 15.20 5.20 -0.59
CA GLU B 60 15.47 4.95 -2.01
C GLU B 60 15.13 3.51 -2.42
N LYS B 61 15.50 2.55 -1.56
CA LYS B 61 15.13 1.16 -1.79
C LYS B 61 13.61 0.96 -1.87
N SER B 62 12.85 1.59 -0.97
CA SER B 62 11.39 1.47 -1.00
C SER B 62 10.79 2.13 -2.23
N ILE B 63 11.38 3.23 -2.68
CA ILE B 63 10.93 3.88 -3.90
C ILE B 63 11.14 2.93 -5.09
N ALA B 64 12.28 2.24 -5.12
CA ALA B 64 12.51 1.21 -6.16
C ALA B 64 11.51 0.07 -6.10
N VAL B 65 11.10 -0.36 -4.90
CA VAL B 65 10.06 -1.38 -4.78
C VAL B 65 8.75 -0.86 -5.35
N ALA B 66 8.41 0.38 -5.04
CA ALA B 66 7.14 0.94 -5.51
C ALA B 66 7.16 1.06 -7.03
N GLU B 67 8.30 1.49 -7.57
CA GLU B 67 8.45 1.69 -9.01
C GLU B 67 8.34 0.33 -9.75
N ALA B 68 8.89 -0.74 -9.17
CA ALA B 68 8.72 -2.09 -9.73
C ALA B 68 7.27 -2.58 -9.70
N ALA B 69 6.52 -2.25 -8.66
CA ALA B 69 5.09 -2.59 -8.59
C ALA B 69 4.21 -1.76 -9.54
N CYS B 70 4.57 -0.50 -9.80
CA CYS B 70 3.78 0.37 -10.69
C CYS B 70 4.72 1.25 -11.49
N PRO B 71 5.16 0.77 -12.67
CA PRO B 71 6.07 1.56 -13.47
C PRO B 71 5.49 2.96 -13.72
N GLY B 72 6.33 3.98 -13.60
CA GLY B 72 5.87 5.37 -13.78
C GLY B 72 5.41 6.09 -12.51
N ILE B 73 5.24 5.36 -11.40
CA ILE B 73 4.72 5.96 -10.16
C ILE B 73 5.63 7.04 -9.58
N THR B 74 6.94 6.87 -9.69
CA THR B 74 7.88 7.84 -9.20
C THR B 74 7.76 9.14 -9.98
N ASP B 75 7.70 9.02 -11.30
CA ASP B 75 7.47 10.17 -12.17
C ASP B 75 6.20 10.92 -11.76
N LYS B 76 5.11 10.19 -11.50
CA LYS B 76 3.86 10.79 -11.09
C LYS B 76 3.95 11.47 -9.71
N MET B 77 4.73 10.88 -8.81
CA MET B 77 5.00 11.49 -7.50
C MET B 77 5.71 12.85 -7.67
N VAL B 78 6.77 12.86 -8.47
CA VAL B 78 7.53 14.08 -8.72
C VAL B 78 6.68 15.13 -9.41
N LYS B 79 5.87 14.73 -10.39
CA LYS B 79 4.97 15.65 -11.09
C LYS B 79 3.94 16.31 -10.16
N LYS B 80 3.28 15.51 -9.33
CA LYS B 80 2.31 16.03 -8.38
C LYS B 80 2.98 16.95 -7.35
N LEU B 81 4.17 16.57 -6.92
CA LEU B 81 4.95 17.37 -6.00
C LEU B 81 5.21 18.77 -6.58
N ILE B 82 5.77 18.79 -7.79
CA ILE B 82 6.05 20.02 -8.53
C ILE B 82 4.81 20.86 -8.75
N GLU B 83 3.74 20.21 -9.21
CA GLU B 83 2.47 20.85 -9.46
C GLU B 83 1.98 21.63 -8.24
N LYS B 84 2.09 21.06 -7.05
CA LYS B 84 1.63 21.74 -5.85
C LYS B 84 2.32 23.10 -5.69
N PHE B 85 3.62 23.17 -5.97
CA PHE B 85 4.40 24.39 -5.79
C PHE B 85 4.21 25.40 -6.94
N GLN B 86 4.06 24.91 -8.15
CA GLN B 86 3.82 25.80 -9.28
C GLN B 86 2.47 26.46 -9.17
N LYS B 87 1.47 25.69 -8.73
CA LYS B 87 0.11 26.19 -8.60
C LYS B 87 0.00 27.09 -7.37
N CYS B 88 0.95 26.94 -6.45
CA CYS B 88 1.40 27.99 -5.51
C CYS B 88 1.60 27.50 -4.09
N THR C 10 5.57 -17.30 -13.42
CA THR C 10 5.26 -17.77 -12.04
C THR C 10 5.35 -19.31 -11.96
N SER C 11 6.14 -19.79 -11.01
CA SER C 11 6.31 -21.22 -10.82
C SER C 11 5.02 -21.84 -10.27
N MET C 12 4.84 -23.13 -10.51
CA MET C 12 3.72 -23.90 -9.96
C MET C 12 3.63 -23.77 -8.46
N VAL C 13 4.78 -23.89 -7.80
CA VAL C 13 4.81 -23.87 -6.36
C VAL C 13 4.45 -22.50 -5.76
N SER C 14 4.53 -21.43 -6.54
CA SER C 14 4.17 -20.06 -6.08
C SER C 14 2.68 -19.74 -6.18
N MET C 15 1.94 -20.63 -6.83
CA MET C 15 0.51 -20.43 -7.08
C MET C 15 -0.33 -20.02 -5.85
N PRO C 16 -0.10 -20.66 -4.68
CA PRO C 16 -0.82 -20.27 -3.45
C PRO C 16 -0.72 -18.79 -3.00
N LEU C 17 0.38 -18.11 -3.32
CA LEU C 17 0.53 -16.69 -3.02
C LEU C 17 -0.62 -15.91 -3.66
N TYR C 18 -0.82 -16.19 -4.94
CA TYR C 18 -1.82 -15.48 -5.72
C TYR C 18 -3.20 -16.02 -5.39
N ALA C 19 -3.33 -17.34 -5.22
CA ALA C 19 -4.67 -17.95 -5.08
C ALA C 19 -5.24 -17.80 -3.66
N VAL C 20 -4.37 -17.82 -2.66
CA VAL C 20 -4.84 -17.80 -1.28
C VAL C 20 -4.53 -16.45 -0.61
N MET C 21 -3.28 -16.02 -0.64
CA MET C 21 -2.87 -14.87 0.14
C MET C 21 -3.38 -13.55 -0.45
N TYR C 22 -3.31 -13.37 -1.78
CA TYR C 22 -3.75 -12.09 -2.36
C TYR C 22 -5.16 -11.70 -1.92
N PRO C 23 -6.13 -12.62 -2.00
CA PRO C 23 -7.48 -12.29 -1.53
C PRO C 23 -7.57 -11.92 -0.04
N VAL C 24 -6.79 -12.62 0.80
CA VAL C 24 -6.68 -12.25 2.21
C VAL C 24 -6.15 -10.83 2.39
N PHE C 25 -5.05 -10.49 1.71
CA PHE C 25 -4.52 -9.12 1.78
C PHE C 25 -5.56 -8.07 1.33
N ASN C 26 -6.27 -8.34 0.24
CA ASN C 26 -7.34 -7.43 -0.22
C ASN C 26 -8.36 -7.18 0.87
N GLU C 27 -8.78 -8.24 1.56
CA GLU C 27 -9.73 -8.13 2.67
C GLU C 27 -9.12 -7.37 3.84
N LEU C 28 -7.84 -7.61 4.11
CA LEU C 28 -7.17 -6.92 5.22
C LEU C 28 -7.00 -5.43 4.95
N GLU C 29 -6.96 -5.02 3.68
CA GLU C 29 -6.87 -3.60 3.33
C GLU C 29 -8.00 -2.79 3.94
N ARG C 30 -9.15 -3.43 4.09
CA ARG C 30 -10.33 -2.83 4.71
C ARG C 30 -10.15 -2.57 6.20
N VAL C 31 -9.30 -3.37 6.85
CA VAL C 31 -9.06 -3.21 8.29
C VAL C 31 -8.01 -2.12 8.51
N ASN C 32 -6.88 -2.25 7.82
CA ASN C 32 -5.83 -1.26 7.90
C ASN C 32 -4.94 -1.35 6.68
N LEU C 33 -4.97 -0.30 5.86
CA LEU C 33 -4.25 -0.29 4.61
C LEU C 33 -2.74 -0.51 4.81
N SER C 34 -2.17 0.21 5.77
CA SER C 34 -0.73 0.16 5.99
C SER C 34 -0.23 -1.27 6.37
N ALA C 35 -0.87 -1.85 7.37
CA ALA C 35 -0.59 -3.19 7.84
C ALA C 35 -0.77 -4.23 6.72
N ALA C 36 -1.85 -4.07 5.95
CA ALA C 36 -2.16 -5.02 4.87
C ALA C 36 -1.07 -5.00 3.82
N GLN C 37 -0.61 -3.78 3.48
CA GLN C 37 0.40 -3.64 2.47
C GLN C 37 1.75 -4.13 2.97
N THR C 38 2.03 -3.89 4.24
CA THR C 38 3.24 -4.41 4.83
C THR C 38 3.27 -5.96 4.71
N LEU C 39 2.15 -6.60 5.02
CA LEU C 39 2.05 -8.06 4.92
C LEU C 39 2.17 -8.53 3.48
N ARG C 40 1.45 -7.87 2.57
CA ARG C 40 1.47 -8.19 1.15
C ARG C 40 2.91 -8.12 0.61
N ALA C 41 3.56 -6.98 0.78
CA ALA C 41 4.91 -6.81 0.27
C ALA C 41 5.88 -7.87 0.87
N ALA C 42 5.70 -8.19 2.15
CA ALA C 42 6.58 -9.13 2.84
C ALA C 42 6.40 -10.56 2.27
N PHE C 43 5.17 -10.94 1.98
CA PHE C 43 4.92 -12.28 1.41
C PHE C 43 5.43 -12.37 -0.02
N ILE C 44 5.24 -11.30 -0.80
CA ILE C 44 5.79 -11.23 -2.16
C ILE C 44 7.31 -11.36 -2.18
N LYS C 45 7.99 -10.63 -1.30
CA LYS C 45 9.44 -10.66 -1.18
C LYS C 45 9.98 -12.04 -0.75
N ALA C 46 9.33 -12.67 0.23
CA ALA C 46 9.73 -13.99 0.69
C ALA C 46 9.56 -15.04 -0.41
N GLU C 47 8.43 -14.98 -1.13
CA GLU C 47 8.17 -15.93 -2.19
C GLU C 47 9.20 -15.80 -3.32
N LYS C 48 9.54 -14.56 -3.67
CA LYS C 48 10.56 -14.31 -4.68
C LYS C 48 11.92 -14.84 -4.24
N GLU C 49 12.27 -14.65 -2.96
CA GLU C 49 13.52 -15.15 -2.43
C GLU C 49 13.55 -16.68 -2.36
N ASN C 50 12.41 -17.29 -2.09
CA ASN C 50 12.37 -18.74 -1.97
C ASN C 50 11.05 -19.33 -2.40
N PRO C 51 10.89 -19.57 -3.72
CA PRO C 51 9.62 -20.08 -4.26
C PRO C 51 9.15 -21.37 -3.57
N GLY C 52 7.86 -21.45 -3.23
CA GLY C 52 7.33 -22.56 -2.44
C GLY C 52 7.11 -22.25 -0.97
N LEU C 53 7.68 -21.15 -0.47
CA LEU C 53 7.58 -20.83 0.95
C LEU C 53 6.14 -20.50 1.39
N THR C 54 5.41 -19.75 0.57
CA THR C 54 4.07 -19.39 0.93
C THR C 54 3.21 -20.63 1.17
N GLN C 55 3.32 -21.62 0.30
CA GLN C 55 2.60 -22.89 0.48
C GLN C 55 2.94 -23.55 1.82
N ASP C 56 4.24 -23.61 2.12
CA ASP C 56 4.69 -24.21 3.36
C ASP C 56 4.11 -23.45 4.54
N ILE C 57 4.08 -22.13 4.43
CA ILE C 57 3.56 -21.30 5.53
C ILE C 57 2.08 -21.55 5.76
N ILE C 58 1.30 -21.57 4.69
CA ILE C 58 -0.13 -21.80 4.79
C ILE C 58 -0.41 -23.15 5.43
N MET C 59 0.28 -24.20 4.96
CA MET C 59 0.05 -25.54 5.50
C MET C 59 0.41 -25.64 6.97
N LYS C 60 1.52 -25.00 7.35
CA LYS C 60 1.93 -24.96 8.74
C LYS C 60 0.90 -24.22 9.60
N ILE C 61 0.42 -23.06 9.15
CA ILE C 61 -0.60 -22.33 9.91
C ILE C 61 -1.88 -23.18 10.06
N LEU C 62 -2.31 -23.83 9.00
CA LEU C 62 -3.49 -24.69 9.08
C LEU C 62 -3.28 -25.78 10.12
N GLU C 63 -2.09 -26.39 10.11
CA GLU C 63 -1.77 -27.44 11.09
C GLU C 63 -1.82 -26.90 12.51
N LYS C 64 -1.19 -25.76 12.75
CA LYS C 64 -1.20 -25.14 14.08
C LYS C 64 -2.62 -24.81 14.54
N LYS C 65 -3.53 -24.51 13.61
CA LYS C 65 -4.89 -24.21 14.00
C LYS C 65 -5.80 -25.44 13.89
N SER C 66 -5.19 -26.63 13.74
CA SER C 66 -5.91 -27.92 13.63
C SER C 66 -6.96 -27.98 12.53
N VAL C 67 -6.69 -27.39 11.37
CA VAL C 67 -7.67 -27.39 10.28
C VAL C 67 -7.42 -28.62 9.42
N GLU C 68 -8.35 -29.57 9.46
CA GLU C 68 -8.17 -30.89 8.88
C GLU C 68 -8.64 -30.95 7.44
N VAL C 69 -7.86 -30.36 6.54
CA VAL C 69 -8.21 -30.29 5.11
C VAL C 69 -7.00 -30.61 4.27
N ASN C 70 -7.24 -31.13 3.07
CA ASN C 70 -6.16 -31.39 2.15
C ASN C 70 -5.87 -30.11 1.37
N PHE C 71 -4.61 -29.70 1.36
CA PHE C 71 -4.23 -28.43 0.71
C PHE C 71 -4.48 -28.47 -0.80
N THR C 72 -4.00 -29.53 -1.46
CA THR C 72 -4.15 -29.69 -2.89
C THR C 72 -5.63 -29.62 -3.31
N GLU C 73 -6.48 -30.37 -2.64
CA GLU C 73 -7.92 -30.38 -2.96
C GLU C 73 -8.55 -29.02 -2.75
N SER C 74 -8.20 -28.37 -1.64
CA SER C 74 -8.76 -27.05 -1.33
C SER C 74 -8.38 -26.04 -2.39
N LEU C 75 -7.13 -26.09 -2.82
CA LEU C 75 -6.68 -25.20 -3.88
C LEU C 75 -7.42 -25.40 -5.20
N LEU C 76 -7.70 -26.65 -5.54
CA LEU C 76 -8.48 -26.96 -6.72
C LEU C 76 -9.88 -26.39 -6.57
N ARG C 77 -10.50 -26.56 -5.40
CA ARG C 77 -11.85 -26.03 -5.19
C ARG C 77 -11.88 -24.50 -5.32
N MET C 78 -10.79 -23.83 -4.96
CA MET C 78 -10.73 -22.36 -5.10
C MET C 78 -10.43 -21.86 -6.52
N ALA C 79 -10.14 -22.76 -7.47
CA ALA C 79 -9.75 -22.41 -8.84
C ALA C 79 -10.81 -21.57 -9.56
N ALA C 80 -12.07 -21.70 -9.15
CA ALA C 80 -13.18 -20.95 -9.77
C ALA C 80 -13.21 -19.49 -9.31
N ASP C 81 -12.48 -19.17 -8.25
CA ASP C 81 -12.52 -17.82 -7.69
C ASP C 81 -11.52 -16.88 -8.37
N ASP C 82 -11.63 -15.59 -8.05
CA ASP C 82 -10.63 -14.58 -8.40
C ASP C 82 -10.27 -14.54 -9.89
N VAL C 83 -11.29 -14.69 -10.74
CA VAL C 83 -11.08 -14.69 -12.20
C VAL C 83 -10.44 -13.38 -12.71
N GLU C 84 -10.86 -12.25 -12.13
CA GLU C 84 -10.37 -10.93 -12.52
C GLU C 84 -8.88 -10.69 -12.21
N GLU C 85 -8.29 -11.48 -11.30
CA GLU C 85 -6.86 -11.40 -11.01
C GLU C 85 -6.00 -11.90 -12.18
N TYR C 86 -6.54 -12.82 -12.97
CA TYR C 86 -5.80 -13.49 -14.06
C TYR C 86 -6.19 -12.99 -15.43
N MET C 87 -7.45 -12.55 -15.57
CA MET C 87 -8.00 -12.14 -16.86
C MET C 87 -7.19 -11.07 -17.58
N ILE C 88 -7.26 -11.11 -18.91
CA ILE C 88 -6.65 -10.09 -19.75
C ILE C 88 -7.64 -8.90 -19.85
N GLU C 89 -7.24 -7.73 -19.36
CA GLU C 89 -8.15 -6.58 -19.36
C GLU C 89 -8.06 -5.80 -20.65
N ARG C 90 -8.62 -6.36 -21.72
CA ARG C 90 -8.56 -5.75 -23.05
C ARG C 90 -9.84 -6.07 -23.82
N PRO C 91 -10.36 -5.10 -24.61
CA PRO C 91 -11.70 -5.27 -25.18
C PRO C 91 -11.83 -6.06 -26.48
N GLU C 92 -10.76 -6.30 -27.24
CA GLU C 92 -10.93 -6.97 -28.55
C GLU C 92 -11.54 -8.36 -28.38
N PRO C 93 -12.27 -8.81 -29.41
CA PRO C 93 -13.00 -10.09 -29.32
C PRO C 93 -12.10 -11.26 -28.96
N GLU C 94 -10.86 -11.21 -29.43
CA GLU C 94 -9.95 -12.32 -29.27
C GLU C 94 -9.51 -12.46 -27.79
N PHE C 95 -9.34 -11.36 -27.06
CA PHE C 95 -9.00 -11.42 -25.63
C PHE C 95 -10.22 -11.78 -24.79
N GLN C 96 -11.40 -11.31 -25.21
CA GLN C 96 -12.63 -11.69 -24.52
C GLN C 96 -12.88 -13.19 -24.64
N ASP C 97 -12.62 -13.72 -25.84
CA ASP C 97 -12.77 -15.11 -26.11
C ASP C 97 -11.78 -15.95 -25.26
N LEU C 98 -10.51 -15.54 -25.21
CA LEU C 98 -9.51 -16.18 -24.33
C LEU C 98 -9.92 -16.22 -22.88
N ASN C 99 -10.40 -15.10 -22.38
CA ASN C 99 -10.82 -15.01 -20.98
C ASN C 99 -11.97 -15.97 -20.70
N GLU C 100 -12.91 -16.06 -21.62
CA GLU C 100 -14.07 -16.93 -21.44
C GLU C 100 -13.69 -18.41 -21.51
N LYS C 101 -12.81 -18.78 -22.44
CA LYS C 101 -12.38 -20.17 -22.54
C LYS C 101 -11.58 -20.60 -21.31
N ALA C 102 -10.72 -19.69 -20.83
CA ALA C 102 -9.92 -19.94 -19.64
C ALA C 102 -10.82 -20.14 -18.42
N ARG C 103 -11.76 -19.21 -18.25
CA ARG C 103 -12.70 -19.25 -17.13
C ARG C 103 -13.49 -20.56 -17.14
N ALA C 104 -14.00 -20.95 -18.30
CA ALA C 104 -14.76 -22.19 -18.41
C ALA C 104 -13.96 -23.42 -18.00
N LEU C 105 -12.73 -23.51 -18.48
CA LEU C 105 -11.87 -24.63 -18.11
C LEU C 105 -11.63 -24.68 -16.61
N LYS C 106 -11.22 -23.56 -16.04
CA LYS C 106 -10.89 -23.53 -14.62
C LYS C 106 -12.13 -23.85 -13.78
N GLN C 107 -13.30 -23.35 -14.18
CA GLN C 107 -14.56 -23.66 -13.46
C GLN C 107 -14.91 -25.15 -13.47
N ILE C 108 -14.83 -25.78 -14.64
CA ILE C 108 -15.10 -27.21 -14.70
C ILE C 108 -14.08 -28.04 -13.88
N LEU C 109 -12.80 -27.70 -13.97
CA LEU C 109 -11.78 -28.39 -13.17
C LEU C 109 -12.01 -28.21 -11.66
N SER C 110 -12.48 -27.03 -11.25
CA SER C 110 -12.65 -26.75 -9.83
C SER C 110 -13.74 -27.64 -9.18
N LYS C 111 -14.61 -28.23 -9.99
CA LYS C 111 -15.72 -29.06 -9.52
C LYS C 111 -15.37 -30.54 -9.42
N ILE C 112 -14.16 -30.91 -9.82
CA ILE C 112 -13.73 -32.31 -9.74
C ILE C 112 -13.85 -32.89 -8.34
N PRO C 113 -13.39 -32.18 -7.29
CA PRO C 113 -13.52 -32.77 -5.96
C PRO C 113 -14.97 -33.15 -5.57
N ASP C 114 -15.95 -32.36 -5.99
CA ASP C 114 -17.35 -32.68 -5.68
C ASP C 114 -17.95 -33.72 -6.59
N GLU C 115 -17.43 -33.85 -7.79
CA GLU C 115 -18.04 -34.72 -8.76
C GLU C 115 -17.38 -36.08 -8.87
N ILE C 116 -16.14 -36.19 -8.39
CA ILE C 116 -15.36 -37.40 -8.64
C ILE C 116 -15.94 -38.65 -7.99
N ASN C 117 -16.64 -38.52 -6.87
CA ASN C 117 -17.20 -39.69 -6.19
C ASN C 117 -18.55 -40.14 -6.73
N ASP C 118 -19.09 -39.39 -7.68
CA ASP C 118 -20.31 -39.75 -8.39
C ASP C 118 -19.89 -40.17 -9.79
N ARG C 119 -19.80 -41.48 -10.00
CA ARG C 119 -19.23 -42.02 -11.23
C ARG C 119 -19.96 -41.60 -12.52
N VAL C 120 -21.29 -41.60 -12.51
CA VAL C 120 -22.03 -41.17 -13.70
C VAL C 120 -21.73 -39.70 -14.00
N ARG C 121 -21.84 -38.86 -12.98
CA ARG C 121 -21.59 -37.44 -13.14
C ARG C 121 -20.13 -37.17 -13.53
N PHE C 122 -19.19 -37.89 -12.92
CA PHE C 122 -17.77 -37.73 -13.26
C PHE C 122 -17.45 -38.04 -14.72
N LEU C 123 -18.11 -39.04 -15.31
CA LEU C 123 -17.91 -39.36 -16.71
C LEU C 123 -18.29 -38.18 -17.61
N GLN C 124 -19.36 -37.48 -17.26
CA GLN C 124 -19.75 -36.24 -17.93
C GLN C 124 -18.73 -35.11 -17.71
N THR C 125 -18.25 -34.95 -16.49
CA THR C 125 -17.20 -33.98 -16.17
C THR C 125 -15.97 -34.15 -17.07
N ILE C 126 -15.53 -35.38 -17.24
CA ILE C 126 -14.39 -35.68 -18.09
C ILE C 126 -14.63 -35.19 -19.54
N LYS C 127 -15.84 -35.39 -20.05
CA LYS C 127 -16.17 -34.93 -21.40
C LYS C 127 -16.23 -33.40 -21.46
N ASP C 128 -16.73 -32.77 -20.41
CA ASP C 128 -16.78 -31.31 -20.37
C ASP C 128 -15.37 -30.73 -20.29
N ILE C 129 -14.46 -31.42 -19.60
CA ILE C 129 -13.08 -30.98 -19.52
C ILE C 129 -12.41 -31.07 -20.89
N ALA C 130 -12.52 -32.23 -21.53
CA ALA C 130 -11.86 -32.44 -22.80
C ALA C 130 -12.36 -31.39 -23.80
N SER C 131 -13.65 -31.08 -23.74
CA SER C 131 -14.21 -30.08 -24.62
C SER C 131 -13.64 -28.70 -24.34
N ALA C 132 -13.51 -28.35 -23.06
CA ALA C 132 -13.03 -27.04 -22.66
C ALA C 132 -11.55 -26.86 -22.97
N ILE C 133 -10.78 -27.93 -22.85
CA ILE C 133 -9.37 -27.94 -23.25
C ILE C 133 -9.19 -27.68 -24.75
N LYS C 134 -9.94 -28.42 -25.56
CA LYS C 134 -9.91 -28.26 -27.02
C LYS C 134 -10.23 -26.81 -27.43
N GLU C 135 -11.30 -26.27 -26.84
CA GLU C 135 -11.73 -24.93 -27.19
C GLU C 135 -10.73 -23.86 -26.73
N LEU C 136 -10.12 -24.03 -25.56
CA LEU C 136 -9.08 -23.09 -25.11
C LEU C 136 -7.88 -23.12 -26.05
N LEU C 137 -7.43 -24.30 -26.41
CA LEU C 137 -6.28 -24.41 -27.27
C LEU C 137 -6.56 -23.82 -28.65
N ASP C 138 -7.75 -24.09 -29.19
CA ASP C 138 -8.17 -23.49 -30.47
C ASP C 138 -8.11 -21.96 -30.39
N THR C 139 -8.62 -21.39 -29.31
CA THR C 139 -8.60 -19.95 -29.12
C THR C 139 -7.19 -19.38 -28.95
N VAL C 140 -6.38 -20.05 -28.14
CA VAL C 140 -4.97 -19.69 -28.00
C VAL C 140 -4.30 -19.58 -29.36
N ASN C 141 -4.46 -20.62 -30.18
CA ASN C 141 -3.86 -20.63 -31.52
C ASN C 141 -4.37 -19.54 -32.43
N ASN C 142 -5.67 -19.27 -32.36
CA ASN C 142 -6.25 -18.16 -33.11
C ASN C 142 -5.66 -16.81 -32.71
N VAL C 143 -5.56 -16.54 -31.41
CA VAL C 143 -5.08 -15.22 -31.00
C VAL C 143 -3.60 -15.11 -31.27
N PHE C 144 -2.86 -16.20 -31.07
CA PHE C 144 -1.43 -16.27 -31.40
C PHE C 144 -1.20 -15.82 -32.84
N LYS C 145 -1.97 -16.39 -33.76
CA LYS C 145 -1.90 -16.04 -35.18
C LYS C 145 -2.38 -14.61 -35.47
N LYS C 146 -3.49 -14.22 -34.85
CA LYS C 146 -4.04 -12.88 -35.04
C LYS C 146 -3.03 -11.76 -34.72
N TYR C 147 -2.22 -11.94 -33.67
CA TYR C 147 -1.21 -10.95 -33.29
C TYR C 147 0.15 -11.26 -33.88
N GLN C 148 0.16 -12.08 -34.94
CA GLN C 148 1.35 -12.25 -35.77
C GLN C 148 2.51 -12.90 -35.01
N TYR C 149 2.18 -13.83 -34.13
CA TYR C 149 3.18 -14.65 -33.45
C TYR C 149 4.14 -13.86 -32.59
N GLN C 150 3.61 -12.83 -31.94
CA GLN C 150 4.43 -11.96 -31.09
C GLN C 150 5.29 -12.53 -29.97
N ASN C 151 4.72 -13.15 -28.96
CA ASN C 151 5.59 -13.62 -27.84
C ASN C 151 5.95 -15.06 -28.12
N ARG C 152 6.66 -15.26 -29.23
CA ARG C 152 6.67 -16.56 -29.92
C ARG C 152 7.25 -17.66 -29.08
N ARG C 153 8.44 -17.43 -28.53
CA ARG C 153 9.13 -18.48 -27.80
C ARG C 153 8.36 -18.89 -26.56
N ALA C 154 7.91 -17.89 -25.81
CA ALA C 154 7.16 -18.11 -24.58
C ALA C 154 5.85 -18.85 -24.85
N LEU C 155 5.12 -18.42 -25.87
CA LEU C 155 3.84 -19.00 -26.18
C LEU C 155 3.95 -20.40 -26.76
N GLU C 156 4.92 -20.62 -27.66
CA GLU C 156 5.15 -21.96 -28.18
C GLU C 156 5.45 -22.90 -27.04
N HIS C 157 6.30 -22.47 -26.11
CA HIS C 157 6.67 -23.31 -25.00
C HIS C 157 5.47 -23.60 -24.08
N GLN C 158 4.71 -22.57 -23.76
CA GLN C 158 3.56 -22.73 -22.87
C GLN C 158 2.47 -23.60 -23.50
N LYS C 159 2.28 -23.50 -24.80
CA LYS C 159 1.35 -24.37 -25.53
C LYS C 159 1.80 -25.81 -25.47
N LYS C 160 3.08 -26.02 -25.76
CA LYS C 160 3.67 -27.35 -25.68
C LYS C 160 3.49 -27.98 -24.30
N GLU C 161 3.76 -27.23 -23.23
CA GLU C 161 3.59 -27.75 -21.89
C GLU C 161 2.11 -28.06 -21.61
N PHE C 162 1.21 -27.20 -22.10
CA PHE C 162 -0.23 -27.38 -21.88
C PHE C 162 -0.73 -28.68 -22.49
N VAL C 163 -0.31 -28.92 -23.74
CA VAL C 163 -0.63 -30.17 -24.44
C VAL C 163 -0.06 -31.36 -23.66
N LYS C 164 1.18 -31.24 -23.21
CA LYS C 164 1.80 -32.32 -22.43
C LYS C 164 1.00 -32.59 -21.15
N TYR C 165 0.63 -31.52 -20.46
CA TYR C 165 -0.09 -31.66 -19.20
C TYR C 165 -1.50 -32.20 -19.37
N SER C 166 -2.13 -31.87 -20.50
CA SER C 166 -3.47 -32.39 -20.81
C SER C 166 -3.45 -33.91 -21.06
N LYS C 167 -2.47 -34.36 -21.84
CA LYS C 167 -2.28 -35.81 -22.04
C LYS C 167 -1.99 -36.52 -20.71
N SER C 168 -1.15 -35.90 -19.90
CA SER C 168 -0.81 -36.47 -18.60
C SER C 168 -2.03 -36.49 -17.66
N PHE C 169 -2.88 -35.47 -17.73
CA PHE C 169 -4.16 -35.49 -16.99
C PHE C 169 -4.98 -36.70 -17.42
N SER C 170 -5.07 -36.95 -18.73
CA SER C 170 -5.79 -38.11 -19.27
C SER C 170 -5.28 -39.44 -18.74
N ASP C 171 -3.95 -39.59 -18.73
CA ASP C 171 -3.30 -40.76 -18.12
C ASP C 171 -3.61 -40.91 -16.62
N THR C 172 -3.69 -39.79 -15.92
CA THR C 172 -4.02 -39.76 -14.51
C THR C 172 -5.46 -40.26 -14.24
N LEU C 173 -6.39 -39.89 -15.13
CA LEU C 173 -7.77 -40.35 -15.06
C LEU C 173 -7.83 -41.86 -15.21
N LYS C 174 -7.12 -42.37 -16.20
CA LYS C 174 -7.06 -43.80 -16.46
C LYS C 174 -6.57 -44.56 -15.23
N THR C 175 -5.50 -44.07 -14.62
CA THR C 175 -4.95 -44.66 -13.42
C THR C 175 -5.96 -44.57 -12.26
N TYR C 176 -6.64 -43.44 -12.15
CA TYR C 176 -7.65 -43.28 -11.10
C TYR C 176 -8.76 -44.35 -11.23
N PHE C 177 -9.17 -44.67 -12.45
CA PHE C 177 -10.19 -45.72 -12.62
C PHE C 177 -9.70 -47.10 -12.13
N LYS C 178 -8.38 -47.32 -12.12
CA LYS C 178 -7.81 -48.54 -11.55
C LYS C 178 -7.65 -48.52 -10.02
N ASP C 179 -7.10 -47.43 -9.47
CA ASP C 179 -6.71 -47.44 -8.04
C ASP C 179 -7.56 -46.56 -7.09
N GLY C 180 -8.46 -45.77 -7.65
CA GLY C 180 -9.35 -44.90 -6.87
C GLY C 180 -8.69 -43.77 -6.04
N LYS C 181 -7.43 -43.46 -6.31
CA LYS C 181 -6.69 -42.47 -5.54
C LYS C 181 -6.95 -41.06 -6.12
N ALA C 182 -7.91 -40.36 -5.51
CA ALA C 182 -8.40 -39.09 -6.03
C ALA C 182 -7.33 -37.99 -6.06
N ILE C 183 -6.43 -37.97 -5.07
CA ILE C 183 -5.43 -36.91 -4.94
C ILE C 183 -4.63 -36.71 -6.22
N ASN C 184 -4.30 -37.78 -6.92
CA ASN C 184 -3.52 -37.68 -8.16
C ASN C 184 -4.22 -36.92 -9.26
N VAL C 185 -5.53 -37.08 -9.35
CA VAL C 185 -6.33 -36.31 -10.28
C VAL C 185 -6.35 -34.82 -9.89
N PHE C 186 -6.48 -34.54 -8.59
CA PHE C 186 -6.47 -33.17 -8.11
C PHE C 186 -5.14 -32.47 -8.43
N VAL C 187 -4.01 -33.14 -8.19
CA VAL C 187 -2.68 -32.61 -8.51
C VAL C 187 -2.60 -32.27 -10.01
N SER C 188 -3.06 -33.18 -10.87
CA SER C 188 -2.91 -33.01 -12.28
C SER C 188 -3.81 -31.86 -12.76
N ALA C 189 -4.98 -31.75 -12.16
CA ALA C 189 -5.90 -30.65 -12.47
C ALA C 189 -5.31 -29.28 -12.08
N ASN C 190 -4.69 -29.17 -10.90
CA ASN C 190 -4.07 -27.89 -10.49
C ASN C 190 -2.99 -27.43 -11.45
N ARG C 191 -2.26 -28.39 -12.00
CA ARG C 191 -1.22 -28.10 -12.99
C ARG C 191 -1.82 -27.45 -14.25
N LEU C 192 -2.96 -27.97 -14.70
CA LEU C 192 -3.64 -27.42 -15.87
C LEU C 192 -4.14 -26.02 -15.59
N ILE C 193 -4.66 -25.78 -14.37
CA ILE C 193 -5.09 -24.46 -13.95
C ILE C 193 -3.92 -23.47 -14.00
N HIS C 194 -2.79 -23.86 -13.45
CA HIS C 194 -1.61 -23.02 -13.46
C HIS C 194 -1.18 -22.72 -14.90
N GLN C 195 -1.16 -23.73 -15.77
CA GLN C 195 -0.73 -23.53 -17.15
C GLN C 195 -1.70 -22.61 -17.90
N THR C 196 -2.99 -22.75 -17.61
CA THR C 196 -3.98 -21.83 -18.16
C THR C 196 -3.68 -20.38 -17.80
N ASN C 197 -3.37 -20.14 -16.52
CA ASN C 197 -3.04 -18.80 -16.07
C ASN C 197 -1.75 -18.23 -16.69
N LEU C 198 -0.75 -19.08 -16.88
CA LEU C 198 0.49 -18.65 -17.52
C LEU C 198 0.24 -18.19 -18.96
N ILE C 199 -0.61 -18.93 -19.66
CA ILE C 199 -0.93 -18.56 -21.05
C ILE C 199 -1.65 -17.21 -21.10
N LEU C 200 -2.67 -17.03 -20.28
CA LEU C 200 -3.34 -15.74 -20.20
C LEU C 200 -2.34 -14.60 -19.99
N GLN C 201 -1.42 -14.81 -19.05
CA GLN C 201 -0.43 -13.81 -18.70
C GLN C 201 0.47 -13.44 -19.91
N THR C 202 0.84 -14.43 -20.72
CA THR C 202 1.65 -14.19 -21.90
C THR C 202 0.96 -13.29 -22.92
N PHE C 203 -0.36 -13.37 -23.01
CA PHE C 203 -1.10 -12.54 -23.94
C PHE C 203 -1.27 -11.09 -23.45
N LYS C 204 -0.96 -10.81 -22.19
CA LYS C 204 -1.07 -9.44 -21.68
C LYS C 204 -0.08 -8.46 -22.35
N THR C 205 0.98 -8.98 -22.96
CA THR C 205 1.99 -8.11 -23.55
C THR C 205 2.08 -8.20 -25.09
N VAL C 206 1.05 -8.70 -25.77
CA VAL C 206 1.02 -8.59 -27.25
C VAL C 206 0.38 -7.26 -27.61
N ALA C 207 0.77 -6.70 -28.77
CA ALA C 207 0.27 -5.42 -29.33
C ALA C 207 -1.22 -5.15 -29.14
N GLN D 22 -8.81 -13.25 28.39
CA GLN D 22 -8.82 -14.52 27.58
C GLN D 22 -8.67 -14.29 26.06
N ASP D 23 -9.78 -14.07 25.37
CA ASP D 23 -9.79 -14.13 23.91
C ASP D 23 -9.02 -12.99 23.26
N LEU D 24 -9.24 -11.77 23.74
CA LEU D 24 -8.52 -10.61 23.21
C LEU D 24 -7.01 -10.78 23.31
N VAL D 25 -6.54 -11.24 24.47
CA VAL D 25 -5.12 -11.43 24.69
C VAL D 25 -4.56 -12.50 23.75
N GLN D 26 -5.36 -13.53 23.46
CA GLN D 26 -4.95 -14.51 22.46
C GLN D 26 -4.84 -13.89 21.08
N THR D 27 -5.81 -13.08 20.67
CA THR D 27 -5.71 -12.41 19.37
C THR D 27 -4.46 -11.51 19.27
N LEU D 28 -4.17 -10.79 20.34
CA LEU D 28 -3.01 -9.91 20.35
C LEU D 28 -1.67 -10.68 20.51
N SER D 29 -1.71 -11.95 20.87
CA SER D 29 -0.49 -12.76 20.96
C SER D 29 -0.36 -13.77 19.81
N CYS D 30 -1.07 -13.54 18.71
CA CYS D 30 -1.03 -14.49 17.59
C CYS D 30 0.40 -14.68 17.09
N LEU D 31 1.17 -13.61 17.03
CA LEU D 31 2.55 -13.66 16.59
C LEU D 31 3.41 -14.62 17.42
N SER D 32 3.41 -14.46 18.74
CA SER D 32 4.22 -15.33 19.61
C SER D 32 3.62 -16.72 19.73
N MET D 33 2.30 -16.82 19.67
CA MET D 33 1.63 -18.10 19.90
C MET D 33 1.52 -19.00 18.67
N ILE D 34 1.40 -18.41 17.48
CA ILE D 34 1.21 -19.20 16.28
C ILE D 34 2.36 -18.98 15.29
N ILE D 35 2.67 -17.73 14.97
CA ILE D 35 3.63 -17.45 13.91
C ILE D 35 5.06 -17.85 14.27
N THR D 36 5.53 -17.40 15.41
CA THR D 36 6.89 -17.68 15.83
C THR D 36 7.19 -19.19 15.85
N PRO D 37 6.38 -19.98 16.57
CA PRO D 37 6.63 -21.43 16.56
C PRO D 37 6.46 -22.06 15.19
N ALA D 38 5.46 -21.61 14.43
CA ALA D 38 5.26 -22.11 13.09
C ALA D 38 6.53 -21.87 12.24
N PHE D 39 7.10 -20.67 12.32
CA PHE D 39 8.25 -20.33 11.51
C PHE D 39 9.51 -21.09 11.96
N ALA D 40 9.67 -21.31 13.26
CA ALA D 40 10.77 -22.12 13.77
C ALA D 40 10.65 -23.56 13.24
N GLU D 41 9.43 -24.10 13.25
CA GLU D 41 9.20 -25.42 12.68
C GLU D 41 9.43 -25.43 11.16
N LEU D 42 9.08 -24.33 10.49
CA LEU D 42 9.33 -24.27 9.06
C LEU D 42 10.82 -24.41 8.77
N LYS D 43 11.65 -23.70 9.51
CA LYS D 43 13.10 -23.79 9.31
C LYS D 43 13.63 -25.20 9.48
N GLN D 44 13.07 -25.92 10.46
CA GLN D 44 13.48 -27.31 10.73
C GLN D 44 13.09 -28.33 9.64
N GLN D 45 12.20 -27.96 8.72
CA GLN D 45 11.83 -28.82 7.58
C GLN D 45 12.95 -28.93 6.55
N ASP D 46 13.84 -27.95 6.53
CA ASP D 46 14.91 -27.93 5.53
C ASP D 46 16.15 -27.37 6.16
N GLU D 47 16.82 -28.25 6.89
CA GLU D 47 17.96 -27.86 7.72
C GLU D 47 19.02 -27.10 6.92
N ASN D 48 19.43 -25.96 7.48
CA ASN D 48 20.47 -25.09 6.92
C ASN D 48 20.24 -24.65 5.48
N ASN D 49 19.00 -24.60 5.02
CA ASN D 49 18.72 -23.94 3.76
C ASN D 49 18.85 -22.43 4.00
N ALA D 50 19.99 -21.86 3.57
CA ALA D 50 20.33 -20.45 3.91
C ALA D 50 19.34 -19.45 3.33
N SER D 51 19.06 -19.59 2.04
CA SER D 51 18.18 -18.64 1.37
C SER D 51 16.76 -18.73 1.95
N ARG D 52 16.31 -19.95 2.23
CA ARG D 52 14.98 -20.15 2.80
C ARG D 52 14.86 -19.58 4.20
N ASN D 53 15.85 -19.84 5.05
CA ASN D 53 15.83 -19.35 6.42
C ASN D 53 15.89 -17.83 6.50
N GLN D 54 16.67 -17.21 5.62
CA GLN D 54 16.74 -15.75 5.53
C GLN D 54 15.37 -15.18 5.12
N ALA D 55 14.71 -15.80 4.16
CA ALA D 55 13.39 -15.35 3.70
C ALA D 55 12.39 -15.40 4.84
N ILE D 56 12.41 -16.50 5.61
CA ILE D 56 11.53 -16.69 6.76
C ILE D 56 11.78 -15.62 7.83
N GLU D 57 13.04 -15.39 8.16
CA GLU D 57 13.45 -14.39 9.16
C GLU D 57 12.97 -12.97 8.78
N GLU D 58 13.20 -12.56 7.55
CA GLU D 58 12.74 -11.25 7.07
C GLU D 58 11.22 -11.12 7.18
N LEU D 59 10.51 -12.18 6.78
CA LEU D 59 9.03 -12.16 6.78
C LEU D 59 8.50 -11.99 8.20
N GLU D 60 9.06 -12.74 9.14
CA GLU D 60 8.61 -12.66 10.53
C GLU D 60 8.82 -11.25 11.09
N LYS D 61 9.97 -10.64 10.77
CA LYS D 61 10.19 -9.24 11.14
C LYS D 61 9.15 -8.30 10.56
N SER D 62 8.78 -8.48 9.30
CA SER D 62 7.76 -7.64 8.66
C SER D 62 6.34 -7.87 9.24
N ILE D 63 6.05 -9.10 9.62
CA ILE D 63 4.80 -9.39 10.29
C ILE D 63 4.76 -8.65 11.63
N ALA D 64 5.87 -8.63 12.36
CA ALA D 64 5.96 -7.84 13.60
C ALA D 64 5.75 -6.33 13.38
N VAL D 65 6.27 -5.78 12.28
CA VAL D 65 6.04 -4.39 11.94
C VAL D 65 4.54 -4.16 11.68
N ALA D 66 3.90 -5.07 10.97
CA ALA D 66 2.48 -4.91 10.67
C ALA D 66 1.64 -4.99 11.93
N GLU D 67 2.00 -5.92 12.80
CA GLU D 67 1.28 -6.12 14.07
C GLU D 67 1.40 -4.87 14.95
N ALA D 68 2.58 -4.27 15.00
CA ALA D 68 2.77 -3.01 15.75
C ALA D 68 1.93 -1.86 15.18
N ALA D 69 1.77 -1.78 13.86
CA ALA D 69 0.92 -0.78 13.24
C ALA D 69 -0.59 -1.02 13.45
N CYS D 70 -1.01 -2.27 13.55
CA CYS D 70 -2.42 -2.61 13.73
C CYS D 70 -2.59 -3.82 14.62
N PRO D 71 -2.75 -3.60 15.95
CA PRO D 71 -2.81 -4.73 16.85
C PRO D 71 -3.95 -5.63 16.47
N GLY D 72 -3.71 -6.94 16.46
CA GLY D 72 -4.73 -7.91 16.04
C GLY D 72 -4.71 -8.30 14.56
N ILE D 73 -3.97 -7.57 13.73
CA ILE D 73 -3.96 -7.84 12.28
C ILE D 73 -3.45 -9.25 11.91
N THR D 74 -2.47 -9.76 12.66
CA THR D 74 -1.95 -11.10 12.40
C THR D 74 -3.03 -12.13 12.68
N ASP D 75 -3.71 -11.98 13.80
CA ASP D 75 -4.83 -12.86 14.12
C ASP D 75 -5.84 -12.84 13.01
N LYS D 76 -6.16 -11.65 12.48
CA LYS D 76 -7.15 -11.55 11.39
C LYS D 76 -6.66 -12.19 10.09
N MET D 77 -5.38 -12.06 9.81
CA MET D 77 -4.76 -12.74 8.68
C MET D 77 -4.93 -14.26 8.80
N VAL D 78 -4.59 -14.81 9.96
CA VAL D 78 -4.74 -16.23 10.21
C VAL D 78 -6.20 -16.68 10.12
N LYS D 79 -7.12 -15.91 10.71
CA LYS D 79 -8.56 -16.19 10.64
C LYS D 79 -9.13 -16.20 9.21
N LYS D 80 -8.78 -15.20 8.41
CA LYS D 80 -9.22 -15.15 7.03
C LYS D 80 -8.61 -16.31 6.21
N LEU D 81 -7.35 -16.62 6.49
CA LEU D 81 -6.69 -17.72 5.84
C LEU D 81 -7.45 -19.03 6.10
N ILE D 82 -7.68 -19.32 7.37
CA ILE D 82 -8.42 -20.49 7.83
C ILE D 82 -9.82 -20.57 7.21
N GLU D 83 -10.54 -19.45 7.25
CA GLU D 83 -11.88 -19.36 6.67
C GLU D 83 -11.93 -19.87 5.25
N LYS D 84 -10.96 -19.45 4.45
CA LYS D 84 -10.98 -19.85 3.05
C LYS D 84 -10.98 -21.37 2.91
N PHE D 85 -10.21 -22.05 3.75
CA PHE D 85 -10.11 -23.51 3.69
C PHE D 85 -11.30 -24.25 4.32
N GLN D 86 -11.84 -23.70 5.40
CA GLN D 86 -13.00 -24.30 6.04
C GLN D 86 -14.22 -24.22 5.12
N LYS D 87 -14.34 -23.11 4.41
CA LYS D 87 -15.42 -22.94 3.43
C LYS D 87 -15.35 -23.91 2.23
N CYS D 88 -14.16 -24.45 1.97
CA CYS D 88 -13.97 -25.59 1.04
C CYS D 88 -14.54 -26.89 1.55
N SER D 89 -14.25 -27.16 2.82
CA SER D 89 -14.61 -28.40 3.50
C SER D 89 -15.88 -28.26 4.35
N ALA D 90 -16.88 -27.54 3.84
CA ALA D 90 -18.15 -27.33 4.57
C ALA D 90 -18.97 -28.60 4.56
#